data_6E3J
#
_entry.id   6E3J
#
_cell.length_a   43.266
_cell.length_b   42.907
_cell.length_c   47.029
_cell.angle_alpha   90.000
_cell.angle_beta   114.730
_cell.angle_gamma   90.000
#
_symmetry.space_group_name_H-M   'P 1 21 1'
#
loop_
_entity.id
_entity.type
_entity.pdbx_description
1 polymer 'Bcl-2-related protein A1'
2 polymer 'peptide srt.F10'
3 non-polymer 'SULFATE ION'
4 water water
#
loop_
_entity_poly.entity_id
_entity_poly.type
_entity_poly.pdbx_seq_one_letter_code
_entity_poly.pdbx_strand_id
1 'polypeptide(L)'
;GMTDCEFGYIYRLAQDYLQCVLQIPQPGSGPSKTSRVLQNVAFSVQKEVEKNLKSCLDNVNVVSVDTARTLFNQVMEKEF
EDGIINWGRIVTIFAFEGILIKKLLRQQIAPDVDTYKEISYFVAEFIMNNTGEWIRQNGGWENGFVKKFEPK
;
A
2 'polypeptide(L)' (ACE)RRVVQIAAGLRRAGDQLEKYG(NH2) B
#
# COMPACT_ATOMS: atom_id res chain seq x y z
N GLY A 1 11.35 10.75 -11.29
CA GLY A 1 11.21 11.34 -12.66
C GLY A 1 9.97 10.82 -13.37
N MET A 2 9.80 11.21 -14.63
CA MET A 2 8.56 10.88 -15.30
C MET A 2 8.37 9.39 -15.48
N THR A 3 9.45 8.61 -15.62
N THR A 3 9.46 8.63 -15.62
CA THR A 3 9.33 7.17 -15.78
CA THR A 3 9.39 7.18 -15.77
C THR A 3 8.99 6.46 -14.47
C THR A 3 8.95 6.49 -14.49
N ASP A 4 9.00 7.17 -13.35
CA ASP A 4 8.72 6.52 -12.07
C ASP A 4 7.26 6.12 -11.92
N CYS A 5 6.39 6.44 -12.89
CA CYS A 5 5.01 5.96 -12.86
C CYS A 5 4.83 4.65 -13.62
N GLU A 6 5.90 4.06 -14.14
CA GLU A 6 5.84 2.79 -14.84
C GLU A 6 5.95 1.62 -13.87
N PHE A 7 5.63 0.42 -14.36
CA PHE A 7 5.37 -0.69 -13.46
C PHE A 7 6.60 -1.02 -12.62
N GLY A 8 7.78 -1.05 -13.24
CA GLY A 8 8.95 -1.53 -12.51
C GLY A 8 9.24 -0.70 -11.27
N TYR A 9 9.12 0.63 -11.38
CA TYR A 9 9.41 1.49 -10.24
C TYR A 9 8.38 1.26 -9.14
N ILE A 10 7.11 1.15 -9.51
CA ILE A 10 6.05 0.97 -8.52
C ILE A 10 6.18 -0.39 -7.85
N TYR A 11 6.51 -1.42 -8.63
CA TYR A 11 6.71 -2.75 -8.06
C TYR A 11 7.81 -2.71 -7.02
N ARG A 12 8.91 -2.01 -7.32
CA ARG A 12 9.99 -1.93 -6.35
C ARG A 12 9.55 -1.21 -5.08
N LEU A 13 8.76 -0.14 -5.21
CA LEU A 13 8.22 0.49 -4.00
C LEU A 13 7.36 -0.46 -3.20
N ALA A 14 6.47 -1.21 -3.86
CA ALA A 14 5.58 -2.11 -3.15
C ALA A 14 6.35 -3.22 -2.47
N GLN A 15 7.37 -3.74 -3.15
CA GLN A 15 8.20 -4.80 -2.57
C GLN A 15 9.02 -4.27 -1.41
N ASP A 16 9.61 -3.08 -1.56
CA ASP A 16 10.38 -2.48 -0.47
C ASP A 16 9.52 -2.37 0.79
N TYR A 17 8.28 -1.90 0.64
CA TYR A 17 7.43 -1.70 1.81
C TYR A 17 7.09 -3.03 2.47
N LEU A 18 6.82 -4.07 1.69
CA LEU A 18 6.56 -5.37 2.30
C LEU A 18 7.79 -5.91 3.01
N GLN A 19 8.98 -5.70 2.44
CA GLN A 19 10.19 -6.15 3.11
C GLN A 19 10.42 -5.38 4.41
N CYS A 20 10.03 -4.11 4.44
CA CYS A 20 10.05 -3.34 5.67
C CYS A 20 9.14 -3.96 6.71
N VAL A 21 7.88 -4.23 6.34
CA VAL A 21 6.92 -4.79 7.28
C VAL A 21 7.39 -6.14 7.81
N LEU A 22 7.90 -6.99 6.92
CA LEU A 22 8.35 -8.32 7.29
C LEU A 22 9.73 -8.32 7.94
N GLN A 23 10.36 -7.15 8.08
CA GLN A 23 11.65 -7.04 8.74
C GLN A 23 12.73 -7.84 8.03
N ILE A 24 12.71 -7.83 6.69
CA ILE A 24 13.79 -8.47 5.94
C ILE A 24 14.52 -7.47 5.07
N PRO A 25 15.42 -6.66 5.63
CA PRO A 25 16.11 -5.65 4.83
C PRO A 25 16.99 -6.30 3.79
N GLN A 26 16.88 -5.82 2.56
CA GLN A 26 17.72 -6.45 1.55
C GLN A 26 19.06 -5.73 1.43
N PRO A 27 20.16 -6.46 1.33
CA PRO A 27 21.46 -5.81 1.22
C PRO A 27 21.66 -5.20 -0.16
N GLY A 28 22.59 -4.26 -0.22
CA GLY A 28 22.89 -3.58 -1.46
C GLY A 28 22.84 -2.08 -1.25
N SER A 29 22.59 -1.37 -2.36
CA SER A 29 22.61 0.08 -2.33
C SER A 29 21.70 0.65 -1.25
N GLY A 30 20.61 -0.04 -0.94
CA GLY A 30 19.61 0.46 -0.01
C GLY A 30 18.41 1.00 -0.75
N PRO A 31 17.31 1.20 -0.04
CA PRO A 31 16.09 1.71 -0.69
C PRO A 31 16.28 3.14 -1.18
N SER A 32 15.47 3.49 -2.17
CA SER A 32 15.49 4.82 -2.75
C SER A 32 15.01 5.84 -1.73
N LYS A 33 15.29 7.11 -2.02
CA LYS A 33 14.75 8.20 -1.21
C LYS A 33 13.23 8.12 -1.14
N THR A 34 12.57 7.83 -2.27
CA THR A 34 11.12 7.69 -2.27
C THR A 34 10.69 6.62 -1.27
N SER A 35 11.31 5.45 -1.36
N SER A 35 11.28 5.42 -1.39
CA SER A 35 10.93 4.33 -0.51
CA SER A 35 10.89 4.33 -0.49
C SER A 35 11.19 4.67 0.94
C SER A 35 11.17 4.68 0.96
N ARG A 36 12.29 5.36 1.22
CA ARG A 36 12.60 5.73 2.58
C ARG A 36 11.52 6.65 3.16
N VAL A 37 11.06 7.61 2.37
CA VAL A 37 10.01 8.50 2.85
C VAL A 37 8.70 7.75 2.99
N LEU A 38 8.38 6.91 2.00
CA LEU A 38 7.11 6.18 2.00
C LEU A 38 7.00 5.24 3.18
N GLN A 39 8.09 4.55 3.54
N GLN A 39 8.08 4.56 3.55
CA GLN A 39 8.00 3.54 4.59
CA GLN A 39 7.95 3.55 4.59
C GLN A 39 7.53 4.16 5.91
C GLN A 39 7.52 4.16 5.92
N ASN A 40 8.02 5.36 6.25
CA ASN A 40 7.60 5.97 7.50
C ASN A 40 6.13 6.39 7.48
N VAL A 41 5.68 7.01 6.40
N VAL A 41 5.70 7.02 6.38
CA VAL A 41 4.31 7.51 6.39
CA VAL A 41 4.33 7.52 6.32
C VAL A 41 3.31 6.36 6.20
C VAL A 41 3.35 6.36 6.22
N ALA A 42 3.64 5.38 5.37
CA ALA A 42 2.74 4.25 5.21
C ALA A 42 2.61 3.47 6.51
N PHE A 43 3.72 3.29 7.23
CA PHE A 43 3.65 2.52 8.47
C PHE A 43 2.81 3.24 9.51
N SER A 44 2.92 4.57 9.58
CA SER A 44 2.10 5.32 10.52
C SER A 44 0.62 5.12 10.21
N VAL A 45 0.25 5.16 8.92
CA VAL A 45 -1.13 4.90 8.52
C VAL A 45 -1.52 3.47 8.84
N GLN A 46 -0.64 2.51 8.53
CA GLN A 46 -0.94 1.11 8.78
C GLN A 46 -1.30 0.86 10.24
N LYS A 47 -0.48 1.38 11.16
N LYS A 47 -0.50 1.39 11.15
CA LYS A 47 -0.75 1.18 12.57
CA LYS A 47 -0.79 1.14 12.57
C LYS A 47 -2.11 1.76 12.96
C LYS A 47 -2.10 1.78 13.00
N GLU A 48 -2.43 2.95 12.43
CA GLU A 48 -3.70 3.59 12.76
C GLU A 48 -4.88 2.77 12.25
N VAL A 49 -4.79 2.30 11.01
CA VAL A 49 -5.88 1.51 10.43
C VAL A 49 -6.02 0.18 11.15
N GLU A 50 -4.90 -0.46 11.52
CA GLU A 50 -4.97 -1.71 12.26
C GLU A 50 -5.71 -1.51 13.58
N LYS A 51 -5.54 -0.35 14.21
CA LYS A 51 -6.26 -0.07 15.45
C LYS A 51 -7.71 0.26 15.19
N ASN A 52 -7.98 1.12 14.20
CA ASN A 52 -9.35 1.58 13.97
C ASN A 52 -10.25 0.49 13.42
N LEU A 53 -9.69 -0.47 12.69
CA LEU A 53 -10.46 -1.53 12.05
C LEU A 53 -10.21 -2.91 12.66
N LYS A 54 -9.71 -2.97 13.89
CA LYS A 54 -9.25 -4.24 14.43
C LYS A 54 -10.38 -5.28 14.49
N SER A 55 -11.56 -4.87 14.96
N SER A 55 -11.56 -4.87 14.96
CA SER A 55 -12.66 -5.82 15.05
CA SER A 55 -12.66 -5.82 15.07
C SER A 55 -13.01 -6.38 13.69
C SER A 55 -13.04 -6.37 13.70
N CYS A 56 -12.97 -5.53 12.66
CA CYS A 56 -13.31 -5.99 11.32
C CYS A 56 -12.21 -6.86 10.72
N LEU A 57 -10.95 -6.40 10.80
CA LEU A 57 -9.85 -7.15 10.23
C LEU A 57 -9.69 -8.53 10.89
N ASP A 58 -10.14 -8.68 12.13
CA ASP A 58 -10.09 -9.99 12.76
C ASP A 58 -11.16 -10.94 12.22
N ASN A 59 -12.16 -10.41 11.53
CA ASN A 59 -13.22 -11.22 10.93
C ASN A 59 -12.95 -11.60 9.48
N VAL A 60 -11.75 -11.32 8.98
N VAL A 60 -11.75 -11.32 8.98
CA VAL A 60 -11.35 -11.73 7.64
CA VAL A 60 -11.34 -11.73 7.64
C VAL A 60 -10.08 -12.56 7.74
C VAL A 60 -10.09 -12.58 7.77
N ASN A 61 -10.06 -13.70 7.07
CA ASN A 61 -8.96 -14.65 7.13
C ASN A 61 -8.28 -14.67 5.77
N VAL A 62 -7.02 -14.26 5.74
CA VAL A 62 -6.28 -14.12 4.48
C VAL A 62 -5.42 -15.37 4.36
N VAL A 63 -6.02 -16.44 3.80
CA VAL A 63 -5.44 -17.77 3.87
C VAL A 63 -4.66 -18.14 2.62
N SER A 64 -4.66 -17.30 1.60
CA SER A 64 -3.92 -17.62 0.40
C SER A 64 -3.64 -16.34 -0.36
N VAL A 65 -2.66 -16.41 -1.27
CA VAL A 65 -2.38 -15.25 -2.11
C VAL A 65 -3.58 -14.90 -2.97
N ASP A 66 -4.36 -15.90 -3.38
CA ASP A 66 -5.53 -15.64 -4.20
C ASP A 66 -6.60 -14.90 -3.43
N THR A 67 -6.83 -15.28 -2.17
CA THR A 67 -7.76 -14.53 -1.33
C THR A 67 -7.24 -13.12 -1.07
N ALA A 68 -5.93 -12.98 -0.83
CA ALA A 68 -5.37 -11.65 -0.65
C ALA A 68 -5.60 -10.77 -1.88
N ARG A 69 -5.47 -11.35 -3.09
CA ARG A 69 -5.62 -10.57 -4.30
C ARG A 69 -7.07 -10.17 -4.50
N THR A 70 -8.00 -11.12 -4.33
CA THR A 70 -9.40 -10.80 -4.49
C THR A 70 -9.84 -9.74 -3.49
N LEU A 71 -9.43 -9.91 -2.22
CA LEU A 71 -9.81 -8.94 -1.20
C LEU A 71 -9.20 -7.57 -1.49
N PHE A 72 -7.91 -7.54 -1.84
CA PHE A 72 -7.26 -6.28 -2.18
C PHE A 72 -8.01 -5.58 -3.29
N ASN A 73 -8.33 -6.29 -4.37
CA ASN A 73 -9.01 -5.65 -5.48
C ASN A 73 -10.42 -5.22 -5.10
N GLN A 74 -11.12 -6.03 -4.30
CA GLN A 74 -12.46 -5.64 -3.84
C GLN A 74 -12.39 -4.35 -3.03
N VAL A 75 -11.42 -4.27 -2.12
CA VAL A 75 -11.29 -3.10 -1.26
C VAL A 75 -10.88 -1.88 -2.06
N MET A 76 -9.90 -2.04 -2.96
CA MET A 76 -9.45 -0.91 -3.78
C MET A 76 -10.60 -0.38 -4.62
N GLU A 77 -11.42 -1.26 -5.19
CA GLU A 77 -12.55 -0.82 -6.00
C GLU A 77 -13.45 0.11 -5.20
N LYS A 78 -13.80 -0.29 -3.99
CA LYS A 78 -14.68 0.53 -3.17
C LYS A 78 -13.98 1.77 -2.65
N GLU A 79 -12.69 1.68 -2.32
CA GLU A 79 -12.00 2.86 -1.79
C GLU A 79 -12.00 3.99 -2.81
N PHE A 80 -11.80 3.65 -4.09
CA PHE A 80 -11.59 4.63 -5.14
C PHE A 80 -12.81 4.85 -6.02
N GLU A 81 -13.98 4.31 -5.64
CA GLU A 81 -15.13 4.35 -6.53
C GLU A 81 -15.67 5.76 -6.73
N ASP A 82 -15.33 6.72 -5.86
CA ASP A 82 -15.76 8.11 -6.02
C ASP A 82 -14.92 8.87 -7.03
N GLY A 83 -13.91 8.23 -7.65
CA GLY A 83 -13.10 8.87 -8.65
C GLY A 83 -12.05 9.81 -8.10
N ILE A 84 -11.91 9.90 -6.79
CA ILE A 84 -10.93 10.80 -6.19
C ILE A 84 -9.61 10.07 -5.99
N ILE A 85 -8.53 10.70 -6.42
CA ILE A 85 -7.18 10.21 -6.17
C ILE A 85 -6.40 11.34 -5.52
N ASN A 86 -5.65 11.03 -4.47
CA ASN A 86 -4.75 11.99 -3.86
C ASN A 86 -3.61 11.21 -3.21
N TRP A 87 -2.56 11.92 -2.80
CA TRP A 87 -1.40 11.21 -2.28
C TRP A 87 -1.70 10.47 -0.98
N GLY A 88 -2.55 11.04 -0.12
CA GLY A 88 -2.91 10.34 1.10
C GLY A 88 -3.53 8.99 0.83
N ARG A 89 -4.46 8.93 -0.13
CA ARG A 89 -5.07 7.65 -0.48
C ARG A 89 -4.05 6.70 -1.07
N ILE A 90 -3.13 7.20 -1.89
CA ILE A 90 -2.09 6.31 -2.44
C ILE A 90 -1.27 5.69 -1.29
N VAL A 91 -0.95 6.47 -0.26
CA VAL A 91 -0.25 5.90 0.89
C VAL A 91 -1.04 4.74 1.50
N THR A 92 -2.38 4.87 1.56
CA THR A 92 -3.16 3.82 2.19
C THR A 92 -3.10 2.51 1.41
N ILE A 93 -2.78 2.56 0.12
CA ILE A 93 -2.65 1.31 -0.65
C ILE A 93 -1.49 0.51 -0.10
N PHE A 94 -0.37 1.17 0.17
CA PHE A 94 0.79 0.50 0.76
C PHE A 94 0.47 0.05 2.18
N ALA A 95 -0.16 0.90 2.98
CA ALA A 95 -0.57 0.44 4.30
C ALA A 95 -1.41 -0.84 4.23
N PHE A 96 -2.35 -0.91 3.30
CA PHE A 96 -3.19 -2.09 3.24
C PHE A 96 -2.41 -3.33 2.80
N GLU A 97 -1.47 -3.19 1.86
CA GLU A 97 -0.67 -4.37 1.51
C GLU A 97 0.15 -4.83 2.71
N GLY A 98 0.56 -3.90 3.59
CA GLY A 98 1.24 -4.32 4.80
C GLY A 98 0.33 -5.07 5.76
N ILE A 99 -0.92 -4.64 5.87
CA ILE A 99 -1.90 -5.39 6.66
C ILE A 99 -2.08 -6.80 6.09
N LEU A 100 -2.20 -6.91 4.77
CA LEU A 100 -2.41 -8.22 4.15
C LEU A 100 -1.22 -9.14 4.37
N ILE A 101 0.00 -8.62 4.24
CA ILE A 101 1.15 -9.52 4.38
C ILE A 101 1.28 -10.00 5.82
N LYS A 102 0.91 -9.17 6.81
CA LYS A 102 0.96 -9.63 8.19
C LYS A 102 -0.08 -10.70 8.45
N LYS A 103 -1.27 -10.56 7.87
CA LYS A 103 -2.27 -11.61 8.03
C LYS A 103 -1.84 -12.89 7.34
N LEU A 104 -1.30 -12.78 6.13
CA LEU A 104 -0.80 -13.95 5.44
C LEU A 104 0.27 -14.65 6.26
N LEU A 105 1.18 -13.90 6.86
CA LEU A 105 2.25 -14.52 7.64
C LEU A 105 1.67 -15.45 8.71
N ARG A 106 0.54 -15.06 9.30
CA ARG A 106 -0.08 -15.88 10.34
C ARG A 106 -1.03 -16.94 9.79
N GLN A 107 -1.73 -16.65 8.70
CA GLN A 107 -2.87 -17.44 8.29
C GLN A 107 -2.69 -18.20 6.98
N GLN A 108 -1.65 -17.93 6.21
CA GLN A 108 -1.55 -18.53 4.89
C GLN A 108 -1.45 -20.04 5.01
N ILE A 109 -2.31 -20.76 4.28
CA ILE A 109 -2.41 -22.21 4.49
C ILE A 109 -1.10 -22.90 4.13
N ALA A 110 -0.52 -22.56 2.97
CA ALA A 110 0.71 -23.17 2.50
C ALA A 110 1.70 -22.04 2.25
N PRO A 111 2.40 -21.59 3.29
CA PRO A 111 3.23 -20.39 3.13
C PRO A 111 4.38 -20.64 2.17
N ASP A 112 4.74 -19.57 1.46
CA ASP A 112 5.80 -19.59 0.46
C ASP A 112 6.58 -18.29 0.58
N VAL A 113 7.91 -18.41 0.61
CA VAL A 113 8.75 -17.23 0.82
C VAL A 113 8.60 -16.18 -0.28
N ASP A 114 8.11 -16.57 -1.45
CA ASP A 114 7.94 -15.59 -2.53
C ASP A 114 6.59 -14.89 -2.49
N THR A 115 5.77 -15.14 -1.47
CA THR A 115 4.42 -14.60 -1.47
C THR A 115 4.42 -13.07 -1.51
N TYR A 116 5.34 -12.42 -0.77
CA TYR A 116 5.31 -10.96 -0.78
C TYR A 116 5.63 -10.40 -2.16
N LYS A 117 6.32 -11.17 -3.00
CA LYS A 117 6.57 -10.72 -4.36
C LYS A 117 5.32 -10.79 -5.20
N GLU A 118 4.44 -11.75 -4.92
CA GLU A 118 3.16 -11.81 -5.62
C GLU A 118 2.23 -10.72 -5.15
N ILE A 119 2.21 -10.43 -3.85
CA ILE A 119 1.37 -9.35 -3.34
C ILE A 119 1.81 -8.03 -3.94
N SER A 120 3.11 -7.73 -3.90
N SER A 120 3.12 -7.76 -3.90
CA SER A 120 3.52 -6.44 -4.42
CA SER A 120 3.67 -6.53 -4.46
C SER A 120 3.32 -6.35 -5.94
C SER A 120 3.24 -6.37 -5.91
N TYR A 121 3.21 -7.49 -6.64
CA TYR A 121 2.88 -7.44 -8.05
C TYR A 121 1.46 -6.93 -8.27
N PHE A 122 0.49 -7.50 -7.57
CA PHE A 122 -0.89 -7.06 -7.83
C PHE A 122 -1.16 -5.68 -7.24
N VAL A 123 -0.38 -5.27 -6.24
CA VAL A 123 -0.47 -3.90 -5.76
C VAL A 123 0.03 -2.93 -6.82
N ALA A 124 1.18 -3.23 -7.41
CA ALA A 124 1.72 -2.38 -8.48
C ALA A 124 0.76 -2.33 -9.67
N GLU A 125 0.14 -3.46 -10.01
N GLU A 125 0.12 -3.45 -9.99
CA GLU A 125 -0.85 -3.48 -11.08
CA GLU A 125 -0.84 -3.44 -11.11
C GLU A 125 -1.94 -2.43 -10.82
C GLU A 125 -1.97 -2.45 -10.84
N PHE A 126 -2.52 -2.46 -9.62
CA PHE A 126 -3.60 -1.53 -9.31
C PHE A 126 -3.11 -0.08 -9.36
N ILE A 127 -1.98 0.19 -8.70
CA ILE A 127 -1.48 1.56 -8.64
C ILE A 127 -1.21 2.08 -10.05
N MET A 128 -0.55 1.28 -10.87
CA MET A 128 -0.22 1.76 -12.22
C MET A 128 -1.47 1.98 -13.05
N ASN A 129 -2.36 1.00 -13.07
CA ASN A 129 -3.48 1.05 -14.00
C ASN A 129 -4.55 2.03 -13.55
N ASN A 130 -4.69 2.26 -12.25
CA ASN A 130 -5.79 3.08 -11.75
C ASN A 130 -5.36 4.46 -11.27
N THR A 131 -4.08 4.65 -10.90
CA THR A 131 -3.61 5.95 -10.45
C THR A 131 -2.38 6.45 -11.21
N GLY A 132 -1.84 5.68 -12.15
CA GLY A 132 -0.56 6.03 -12.73
C GLY A 132 -0.57 7.35 -13.48
N GLU A 133 -1.66 7.63 -14.20
CA GLU A 133 -1.73 8.88 -14.93
C GLU A 133 -1.85 10.07 -13.96
N TRP A 134 -2.64 9.91 -12.90
CA TRP A 134 -2.71 10.96 -11.90
C TRP A 134 -1.35 11.20 -11.26
N ILE A 135 -0.64 10.12 -10.94
CA ILE A 135 0.69 10.26 -10.37
C ILE A 135 1.59 11.08 -11.29
N ARG A 136 1.61 10.72 -12.57
CA ARG A 136 2.48 11.43 -13.50
C ARG A 136 2.12 12.91 -13.57
N GLN A 137 0.82 13.23 -13.66
CA GLN A 137 0.37 14.61 -13.76
C GLN A 137 0.69 15.41 -12.50
N ASN A 138 0.93 14.73 -11.39
CA ASN A 138 1.23 15.40 -10.13
C ASN A 138 2.68 15.28 -9.71
N GLY A 139 3.56 14.97 -10.66
CA GLY A 139 4.98 15.05 -10.44
C GLY A 139 5.66 13.73 -10.16
N GLY A 140 4.93 12.63 -10.24
CA GLY A 140 5.52 11.36 -9.95
C GLY A 140 5.90 11.23 -8.48
N TRP A 141 6.70 10.20 -8.22
CA TRP A 141 7.12 9.96 -6.85
C TRP A 141 8.18 10.97 -6.41
N GLU A 142 9.11 11.31 -7.31
CA GLU A 142 10.23 12.17 -6.93
C GLU A 142 9.79 13.62 -6.79
N ASN A 143 8.95 14.11 -7.70
CA ASN A 143 8.57 15.53 -7.69
C ASN A 143 7.18 15.76 -7.12
N GLY A 144 6.47 14.72 -6.75
CA GLY A 144 5.16 14.88 -6.18
C GLY A 144 5.12 14.30 -4.78
N PHE A 145 5.16 12.98 -4.69
CA PHE A 145 5.04 12.31 -3.40
C PHE A 145 6.12 12.78 -2.42
N VAL A 146 7.39 12.68 -2.82
CA VAL A 146 8.47 13.00 -1.88
C VAL A 146 8.38 14.46 -1.46
N LYS A 147 8.02 15.35 -2.38
CA LYS A 147 7.93 16.76 -2.01
C LYS A 147 6.84 16.99 -0.99
N LYS A 148 5.76 16.21 -1.04
CA LYS A 148 4.67 16.41 -0.08
C LYS A 148 5.05 15.87 1.29
N PHE A 149 5.76 14.74 1.34
CA PHE A 149 5.88 13.99 2.59
C PHE A 149 7.27 14.01 3.21
N GLU A 150 8.30 14.49 2.52
CA GLU A 150 9.62 14.51 3.12
C GLU A 150 9.66 15.52 4.26
N PRO A 151 10.67 15.42 5.13
CA PRO A 151 10.78 16.38 6.24
C PRO A 151 11.01 17.79 5.73
N LYS A 152 10.55 18.75 6.53
CA LYS A 152 10.72 20.16 6.20
C LYS A 152 12.07 20.63 6.69
N ARG B 2 -20.12 -6.67 3.41
CA ARG B 2 -19.98 -5.55 4.34
C ARG B 2 -18.55 -5.29 4.79
N ARG B 3 -17.76 -6.34 5.02
CA ARG B 3 -16.40 -6.10 5.50
C ARG B 3 -15.56 -5.37 4.46
N VAL B 4 -15.76 -5.69 3.18
CA VAL B 4 -15.06 -4.97 2.12
C VAL B 4 -15.35 -3.48 2.20
N VAL B 5 -16.62 -3.15 2.35
CA VAL B 5 -17.03 -1.75 2.41
C VAL B 5 -16.44 -1.07 3.64
N GLN B 6 -16.46 -1.75 4.78
CA GLN B 6 -15.92 -1.15 6.00
C GLN B 6 -14.43 -0.90 5.88
N ILE B 7 -13.67 -1.87 5.36
CA ILE B 7 -12.23 -1.66 5.21
C ILE B 7 -11.97 -0.51 4.24
N ALA B 8 -12.66 -0.52 3.11
CA ALA B 8 -12.45 0.53 2.11
C ALA B 8 -12.75 1.90 2.68
N ALA B 9 -13.84 2.03 3.44
CA ALA B 9 -14.20 3.32 3.99
C ALA B 9 -13.17 3.77 5.00
N GLY B 10 -12.64 2.83 5.79
CA GLY B 10 -11.61 3.20 6.75
C GLY B 10 -10.35 3.69 6.07
N LEU B 11 -9.96 3.03 4.98
CA LEU B 11 -8.77 3.46 4.26
C LEU B 11 -9.01 4.81 3.60
N ARG B 12 -10.19 5.00 3.00
CA ARG B 12 -10.47 6.27 2.35
C ARG B 12 -10.41 7.41 3.36
N ARG B 13 -11.06 7.20 4.51
CA ARG B 13 -11.04 8.24 5.53
C ARG B 13 -9.62 8.57 5.96
N ALA B 14 -8.80 7.54 6.17
CA ALA B 14 -7.43 7.79 6.62
C ALA B 14 -6.63 8.52 5.55
N GLY B 15 -6.85 8.16 4.29
CA GLY B 15 -6.11 8.80 3.23
C GLY B 15 -6.49 10.24 3.04
N ASP B 16 -7.80 10.54 3.10
CA ASP B 16 -8.21 11.92 2.96
C ASP B 16 -7.76 12.77 4.15
N GLN B 17 -7.70 12.19 5.35
CA GLN B 17 -7.16 12.91 6.50
C GLN B 17 -5.67 13.17 6.33
N LEU B 18 -4.93 12.17 5.85
CA LEU B 18 -3.49 12.33 5.66
C LEU B 18 -3.20 13.36 4.57
N GLU B 19 -4.05 13.39 3.55
CA GLU B 19 -3.90 14.34 2.46
C GLU B 19 -3.93 15.77 2.98
N LYS B 20 -4.84 16.05 3.90
CA LYS B 20 -4.98 17.43 4.37
C LYS B 20 -4.00 17.75 5.49
N TYR B 21 -3.58 16.75 6.26
CA TYR B 21 -2.72 16.96 7.42
C TYR B 21 -1.29 16.50 7.21
N GLY B 22 -0.94 16.07 6.00
CA GLY B 22 0.40 15.57 5.72
C GLY B 22 1.22 16.42 4.78
#